data_9KUQ
#
_entry.id   9KUQ
#
_cell.length_a   84.192
_cell.length_b   84.192
_cell.length_c   80.549
_cell.angle_alpha   90.00
_cell.angle_beta   90.00
_cell.angle_gamma   120.00
#
_symmetry.space_group_name_H-M   'P 32 2 1'
#
loop_
_entity.id
_entity.type
_entity.pdbx_description
1 polymer 'Nonaprenyl diphosphate synthase'
2 water water
#
_entity_poly.entity_id   1
_entity_poly.type   'polypeptide(L)'
_entity_poly.pdbx_seq_one_letter_code
;MRTPATVVAGVDLGDAVFAAAVRAGVARVEQLMDTELRQADEVMSDSLLHLFNAGGKRFRPLFTVLSAQIGPQPDAAAVT
VAGAVIEMIHLATLYHDDVMDEAQVRRGAPSANAQWGNNVAILAGDYLLATASRLVARLGPEAVRIIADTFAQLVTGQMR
ETRGTSENVDSIEQYLKVVQEKTGSLIGAAGRLGGMFSGATDEQVERLSRLGGVVGTAFQIADDIIDIDSESDESGKLPG
TDVREGVHTLPMLYALRESGPDCARLRALLNGPVDDDAEVREALTLLRASPGMARAKDVLAQYAAQARHELALLPDVPGR
RALAALVDYTVSRHG
;
_entity_poly.pdbx_strand_id   A
#
# COMPACT_ATOMS: atom_id res chain seq x y z
N PRO A 4 10.30 -12.47 -16.25
CA PRO A 4 11.73 -12.21 -16.55
C PRO A 4 12.65 -12.48 -15.33
N ALA A 5 13.83 -13.04 -15.58
CA ALA A 5 14.80 -13.44 -14.53
C ALA A 5 15.24 -12.23 -13.69
N THR A 6 14.90 -11.01 -14.08
CA THR A 6 15.30 -9.76 -13.36
C THR A 6 14.14 -9.19 -12.53
N VAL A 7 12.92 -9.69 -12.72
CA VAL A 7 11.68 -9.12 -12.14
C VAL A 7 11.29 -9.93 -10.90
N VAL A 8 10.82 -9.22 -9.87
CA VAL A 8 10.20 -9.78 -8.64
C VAL A 8 9.01 -8.91 -8.28
N ALA A 9 7.85 -9.56 -8.09
CA ALA A 9 6.58 -8.98 -7.62
C ALA A 9 6.29 -7.69 -8.39
N GLY A 10 6.55 -7.74 -9.70
CA GLY A 10 6.04 -6.72 -10.63
C GLY A 10 7.05 -5.62 -10.84
N VAL A 11 8.28 -5.73 -10.31
CA VAL A 11 9.30 -4.68 -10.58
C VAL A 11 10.65 -5.28 -10.96
N ASP A 12 11.29 -4.65 -11.94
CA ASP A 12 12.57 -5.11 -12.53
C ASP A 12 13.67 -4.52 -11.67
N LEU A 13 14.45 -5.38 -11.06
CA LEU A 13 15.43 -5.04 -10.02
C LEU A 13 16.83 -4.92 -10.62
N GLY A 14 16.97 -5.12 -11.93
CA GLY A 14 18.29 -5.20 -12.60
C GLY A 14 18.88 -6.59 -12.46
N ASP A 15 20.06 -6.72 -11.85
CA ASP A 15 20.93 -7.92 -11.96
C ASP A 15 20.14 -9.15 -11.48
N ALA A 16 20.43 -10.29 -12.11
CA ALA A 16 19.71 -11.56 -11.92
C ALA A 16 20.08 -12.18 -10.58
N VAL A 17 21.33 -12.04 -10.13
CA VAL A 17 21.82 -12.64 -8.87
C VAL A 17 21.13 -11.90 -7.72
N PHE A 18 21.03 -10.56 -7.82
CA PHE A 18 20.23 -9.68 -6.90
C PHE A 18 18.75 -10.06 -6.95
N ALA A 19 18.14 -10.17 -8.12
CA ALA A 19 16.66 -10.39 -8.21
C ALA A 19 16.32 -11.75 -7.58
N ALA A 20 17.24 -12.71 -7.66
CA ALA A 20 17.02 -14.09 -7.18
C ALA A 20 17.16 -14.14 -5.66
N ALA A 21 18.09 -13.38 -5.10
CA ALA A 21 18.24 -13.11 -3.64
C ALA A 21 16.95 -12.52 -3.07
N VAL A 22 16.41 -11.48 -3.73
CA VAL A 22 15.18 -10.76 -3.27
C VAL A 22 13.99 -11.73 -3.44
N ARG A 23 13.98 -12.48 -4.52
CA ARG A 23 12.87 -13.42 -4.81
C ARG A 23 12.77 -14.45 -3.65
N ALA A 24 13.89 -14.99 -3.23
CA ALA A 24 13.96 -16.02 -2.17
C ALA A 24 13.50 -15.39 -0.85
N GLY A 25 13.87 -14.14 -0.59
CA GLY A 25 13.43 -13.39 0.61
C GLY A 25 11.92 -13.29 0.70
N VAL A 26 11.30 -12.89 -0.40
CA VAL A 26 9.84 -12.76 -0.51
C VAL A 26 9.21 -14.17 -0.38
N ALA A 27 9.84 -15.18 -0.94
CA ALA A 27 9.37 -16.58 -0.79
C ALA A 27 9.45 -17.00 0.69
N ARG A 28 10.46 -16.62 1.44
CA ARG A 28 10.52 -17.02 2.89
C ARG A 28 9.42 -16.28 3.63
N VAL A 29 9.09 -15.01 3.28
CA VAL A 29 7.92 -14.36 3.91
C VAL A 29 6.67 -15.21 3.61
N GLU A 30 6.44 -15.50 2.33
CA GLU A 30 5.30 -16.35 1.87
C GLU A 30 5.16 -17.65 2.69
N GLN A 31 6.24 -18.42 2.79
CA GLN A 31 6.27 -19.74 3.48
C GLN A 31 5.89 -19.51 4.95
N LEU A 32 6.54 -18.54 5.60
CA LEU A 32 6.26 -18.22 7.03
C LEU A 32 4.78 -17.96 7.24
N MET A 33 4.14 -17.12 6.40
CA MET A 33 2.73 -16.74 6.54
C MET A 33 1.82 -17.98 6.40
N ASP A 34 2.10 -18.83 5.40
CA ASP A 34 1.30 -20.05 5.11
C ASP A 34 1.43 -21.00 6.31
N THR A 35 2.64 -21.26 6.76
CA THR A 35 2.88 -22.12 7.96
C THR A 35 2.01 -21.63 9.12
N GLU A 36 2.10 -20.34 9.45
CA GLU A 36 1.46 -19.76 10.66
C GLU A 36 -0.06 -19.74 10.51
N LEU A 37 -0.58 -19.39 9.32
CA LEU A 37 -2.05 -19.37 9.03
C LEU A 37 -2.68 -20.78 9.03
N ARG A 38 -1.95 -21.80 8.57
CA ARG A 38 -2.42 -23.21 8.50
C ARG A 38 -2.46 -23.86 9.90
N GLN A 39 -1.80 -23.29 10.90
CA GLN A 39 -1.95 -23.78 12.30
C GLN A 39 -3.29 -23.36 12.90
N ALA A 40 -4.04 -22.47 12.28
CA ALA A 40 -5.28 -21.93 12.88
C ALA A 40 -6.33 -23.05 12.97
N ASP A 41 -7.14 -23.01 14.02
CA ASP A 41 -8.24 -23.98 14.25
C ASP A 41 -9.10 -24.07 12.97
N GLU A 42 -9.56 -25.27 12.65
CA GLU A 42 -10.39 -25.58 11.46
C GLU A 42 -11.43 -24.47 11.27
N VAL A 43 -12.08 -24.01 12.33
CA VAL A 43 -13.28 -23.13 12.20
C VAL A 43 -12.85 -21.82 11.52
N MET A 44 -11.53 -21.54 11.51
CA MET A 44 -10.84 -20.34 10.94
C MET A 44 -10.54 -20.48 9.44
N SER A 45 -10.12 -21.67 9.02
CA SER A 45 -9.56 -21.98 7.68
C SER A 45 -10.32 -21.19 6.58
N ASP A 46 -11.62 -21.47 6.39
CA ASP A 46 -12.45 -20.88 5.31
C ASP A 46 -12.23 -19.37 5.28
N SER A 47 -12.38 -18.69 6.43
CA SER A 47 -12.30 -17.22 6.55
C SER A 47 -10.90 -16.70 6.20
N LEU A 48 -9.84 -17.26 6.80
CA LEU A 48 -8.43 -16.77 6.77
C LEU A 48 -7.81 -16.93 5.36
N LEU A 49 -7.94 -18.09 4.75
CA LEU A 49 -7.28 -18.43 3.45
C LEU A 49 -8.01 -17.75 2.29
N HIS A 50 -9.27 -17.33 2.48
CA HIS A 50 -10.11 -16.67 1.43
C HIS A 50 -9.40 -15.44 0.86
N LEU A 51 -8.99 -14.48 1.72
CA LEU A 51 -8.38 -13.20 1.28
C LEU A 51 -6.85 -13.32 1.12
N PHE A 52 -6.20 -14.24 1.86
CA PHE A 52 -4.78 -14.64 1.71
C PHE A 52 -4.56 -15.29 0.34
N GLY A 55 -1.85 -16.55 -3.05
CA GLY A 55 -0.90 -15.70 -3.82
C GLY A 55 -1.11 -14.21 -3.56
N GLY A 56 -0.29 -13.36 -4.20
CA GLY A 56 -0.45 -11.90 -4.18
C GLY A 56 0.61 -11.18 -5.01
N LYS A 57 0.45 -9.86 -5.14
CA LYS A 57 1.50 -8.94 -5.64
C LYS A 57 2.55 -8.74 -4.54
N ARG A 58 2.15 -8.71 -3.26
CA ARG A 58 3.12 -8.84 -2.13
C ARG A 58 4.10 -7.65 -2.18
N PHE A 59 3.56 -6.47 -2.38
CA PHE A 59 4.33 -5.21 -2.50
C PHE A 59 5.04 -4.92 -1.16
N ARG A 60 4.35 -5.16 -0.06
CA ARG A 60 4.87 -4.85 1.30
C ARG A 60 6.02 -5.80 1.64
N PRO A 61 5.88 -7.12 1.38
CA PRO A 61 7.00 -8.01 1.59
C PRO A 61 8.19 -7.60 0.72
N LEU A 62 7.94 -7.20 -0.52
CA LEU A 62 9.01 -6.79 -1.44
C LEU A 62 9.72 -5.56 -0.82
N PHE A 63 8.94 -4.58 -0.36
CA PHE A 63 9.49 -3.31 0.21
C PHE A 63 10.35 -3.66 1.42
N THR A 64 9.85 -4.53 2.28
CA THR A 64 10.53 -4.98 3.52
C THR A 64 11.85 -5.63 3.15
N VAL A 65 11.82 -6.58 2.21
CA VAL A 65 13.03 -7.29 1.75
C VAL A 65 13.97 -6.33 1.03
N LEU A 66 13.44 -5.36 0.27
CA LEU A 66 14.33 -4.42 -0.46
C LEU A 66 14.99 -3.48 0.55
N SER A 67 14.23 -3.03 1.58
CA SER A 67 14.74 -2.17 2.68
C SER A 67 15.91 -2.90 3.41
N ALA A 68 15.75 -4.18 3.71
CA ALA A 68 16.76 -5.03 4.36
C ALA A 68 18.04 -5.13 3.51
N GLN A 69 17.97 -4.94 2.18
CA GLN A 69 19.17 -5.04 1.29
C GLN A 69 20.11 -3.84 1.53
N ILE A 70 19.68 -2.81 2.25
CA ILE A 70 20.58 -1.70 2.70
C ILE A 70 21.44 -2.17 3.88
N GLY A 71 20.94 -3.11 4.70
CA GLY A 71 21.61 -3.61 5.91
C GLY A 71 22.67 -4.67 5.62
N PRO A 72 23.69 -4.82 6.49
CA PRO A 72 24.69 -5.87 6.31
C PRO A 72 24.17 -7.31 6.55
N GLN A 73 22.94 -7.52 7.05
CA GLN A 73 22.32 -8.88 7.12
C GLN A 73 20.96 -8.88 6.45
N PRO A 74 20.92 -8.81 5.11
CA PRO A 74 19.66 -8.61 4.40
C PRO A 74 18.77 -9.85 4.54
N ASP A 75 19.36 -10.99 4.91
CA ASP A 75 18.58 -12.26 5.00
C ASP A 75 18.39 -12.68 6.48
N ALA A 76 18.62 -11.77 7.42
CA ALA A 76 18.27 -12.00 8.86
C ALA A 76 16.92 -12.71 8.98
N ALA A 77 16.81 -13.69 9.88
CA ALA A 77 15.57 -14.41 10.21
C ALA A 77 14.45 -13.39 10.48
N ALA A 78 14.76 -12.30 11.16
CA ALA A 78 13.73 -11.36 11.67
C ALA A 78 13.19 -10.47 10.53
N VAL A 79 13.93 -10.34 9.44
CA VAL A 79 13.41 -9.59 8.25
C VAL A 79 12.19 -10.33 7.71
N THR A 80 12.25 -11.65 7.67
CA THR A 80 11.13 -12.52 7.17
C THR A 80 9.91 -12.37 8.10
N VAL A 81 10.13 -12.44 9.40
CA VAL A 81 9.07 -12.23 10.44
C VAL A 81 8.41 -10.87 10.26
N ALA A 82 9.20 -9.81 10.05
CA ALA A 82 8.70 -8.44 9.86
C ALA A 82 7.84 -8.40 8.57
N GLY A 83 8.38 -8.92 7.47
CA GLY A 83 7.65 -9.06 6.20
C GLY A 83 6.29 -9.69 6.41
N ALA A 84 6.20 -10.82 7.08
CA ALA A 84 4.94 -11.55 7.38
C ALA A 84 4.01 -10.72 8.26
N VAL A 85 4.53 -10.09 9.32
CA VAL A 85 3.73 -9.16 10.17
C VAL A 85 3.04 -8.08 9.35
N ILE A 86 3.82 -7.37 8.53
CA ILE A 86 3.31 -6.25 7.70
C ILE A 86 2.22 -6.81 6.78
N GLU A 87 2.50 -7.88 6.04
CA GLU A 87 1.55 -8.37 5.01
C GLU A 87 0.27 -8.81 5.71
N MET A 88 0.36 -9.50 6.83
CA MET A 88 -0.84 -9.94 7.57
C MET A 88 -1.69 -8.76 8.02
N ILE A 89 -1.07 -7.67 8.49
CA ILE A 89 -1.85 -6.47 8.91
C ILE A 89 -2.51 -5.90 7.64
N HIS A 90 -1.80 -5.86 6.53
CA HIS A 90 -2.37 -5.33 5.26
C HIS A 90 -3.65 -6.12 4.92
N LEU A 91 -3.52 -7.43 4.78
CA LEU A 91 -4.62 -8.37 4.43
C LEU A 91 -5.78 -8.14 5.37
N ALA A 92 -5.51 -8.00 6.68
CA ALA A 92 -6.52 -7.80 7.74
C ALA A 92 -7.35 -6.53 7.49
N THR A 93 -6.71 -5.44 7.08
CA THR A 93 -7.42 -4.15 6.84
C THR A 93 -8.44 -4.31 5.69
N LEU A 94 -8.09 -5.08 4.67
CA LEU A 94 -8.97 -5.36 3.51
C LEU A 94 -10.27 -6.01 3.99
N TYR A 95 -10.21 -7.08 4.80
CA TYR A 95 -11.39 -7.72 5.43
C TYR A 95 -12.29 -6.70 6.13
N HIS A 96 -11.71 -5.73 6.83
CA HIS A 96 -12.48 -4.85 7.72
C HIS A 96 -13.10 -3.72 6.88
N ASP A 97 -12.36 -3.26 5.88
CA ASP A 97 -12.80 -2.21 4.92
C ASP A 97 -14.06 -2.72 4.22
N ASP A 98 -13.97 -3.95 3.68
CA ASP A 98 -15.04 -4.62 2.89
C ASP A 98 -16.32 -4.84 3.69
N VAL A 99 -16.29 -4.70 5.03
CA VAL A 99 -17.51 -4.81 5.87
C VAL A 99 -18.16 -3.44 5.97
N MET A 100 -17.41 -2.43 6.40
CA MET A 100 -17.89 -1.03 6.62
C MET A 100 -18.24 -0.37 5.27
N ASP A 101 -17.66 -0.81 4.15
CA ASP A 101 -18.05 -0.33 2.80
C ASP A 101 -19.29 -1.09 2.32
N GLU A 102 -19.67 -2.15 3.05
CA GLU A 102 -20.59 -3.21 2.59
C GLU A 102 -20.20 -3.59 1.16
N ALA A 103 -18.94 -4.00 0.96
CA ALA A 103 -18.37 -4.47 -0.34
C ALA A 103 -18.49 -6.00 -0.43
N VAL A 105 -17.33 -7.22 -2.92
CA VAL A 105 -16.44 -7.68 -4.04
C VAL A 105 -14.99 -7.26 -3.75
N ARG A 106 -14.02 -8.15 -3.98
CA ARG A 106 -12.57 -7.81 -4.02
C ARG A 106 -11.86 -8.77 -4.97
N GLY A 117 -19.39 -12.95 2.07
CA GLY A 117 -19.45 -11.51 2.37
C GLY A 117 -18.86 -11.12 3.74
N ASN A 118 -19.69 -10.46 4.56
CA ASN A 118 -19.37 -9.70 5.82
C ASN A 118 -19.64 -10.62 7.02
N ASN A 119 -20.45 -11.65 6.80
CA ASN A 119 -20.42 -12.91 7.58
C ASN A 119 -18.96 -13.19 7.94
N VAL A 120 -18.65 -13.17 9.25
CA VAL A 120 -17.42 -13.74 9.87
C VAL A 120 -16.15 -13.03 9.36
N ALA A 121 -16.29 -11.93 8.60
CA ALA A 121 -15.17 -11.11 8.08
C ALA A 121 -14.58 -10.30 9.24
N ILE A 122 -15.38 -9.95 10.25
CA ILE A 122 -14.87 -9.14 11.40
C ILE A 122 -13.90 -10.03 12.18
N LEU A 123 -14.27 -11.28 12.40
CA LEU A 123 -13.49 -12.18 13.28
C LEU A 123 -12.22 -12.65 12.56
N ALA A 124 -12.29 -12.98 11.25
CA ALA A 124 -11.12 -13.45 10.47
C ALA A 124 -10.03 -12.38 10.51
N GLY A 125 -10.28 -11.21 9.92
CA GLY A 125 -9.39 -10.05 10.05
C GLY A 125 -8.87 -9.96 11.47
N ASP A 126 -9.75 -10.12 12.47
CA ASP A 126 -9.39 -10.06 13.90
C ASP A 126 -8.31 -11.13 14.17
N TYR A 127 -8.34 -12.26 13.45
CA TYR A 127 -7.36 -13.36 13.62
C TYR A 127 -6.04 -12.89 13.00
N LEU A 128 -6.08 -12.54 11.70
CA LEU A 128 -4.88 -12.03 11.00
C LEU A 128 -4.16 -11.04 11.93
N LEU A 129 -4.88 -10.22 12.71
CA LEU A 129 -4.34 -9.24 13.69
C LEU A 129 -3.76 -9.95 14.94
N ALA A 130 -4.39 -11.03 15.42
CA ALA A 130 -3.90 -11.78 16.60
C ALA A 130 -2.52 -12.41 16.27
N THR A 131 -2.50 -13.11 15.15
CA THR A 131 -1.39 -13.82 14.45
C THR A 131 -0.22 -12.88 14.14
N ALA A 132 -0.49 -11.78 13.43
CA ALA A 132 0.43 -10.65 13.28
C ALA A 132 1.08 -10.37 14.63
N SER A 133 0.25 -10.27 15.67
CA SER A 133 0.70 -9.87 17.02
C SER A 133 1.63 -10.98 17.57
N ARG A 134 1.24 -12.24 17.38
CA ARG A 134 1.98 -13.47 17.74
C ARG A 134 3.39 -13.41 17.17
N LEU A 135 3.53 -13.15 15.87
CA LEU A 135 4.83 -13.05 15.18
C LEU A 135 5.59 -11.82 15.70
N VAL A 136 4.96 -10.67 15.85
CA VAL A 136 5.75 -9.46 16.19
C VAL A 136 6.28 -9.61 17.62
N ALA A 137 5.60 -10.36 18.48
CA ALA A 137 6.07 -10.72 19.84
C ALA A 137 7.46 -11.35 19.72
N ARG A 138 7.76 -12.10 18.64
CA ARG A 138 9.14 -12.62 18.42
C ARG A 138 10.19 -11.53 18.19
N LEU A 139 9.85 -10.31 17.75
CA LEU A 139 10.88 -9.30 17.35
C LEU A 139 11.30 -8.43 18.53
N GLY A 140 10.64 -8.50 19.67
CA GLY A 140 11.10 -7.72 20.83
C GLY A 140 10.27 -6.47 21.08
N PRO A 141 10.68 -5.63 22.06
CA PRO A 141 9.77 -4.63 22.63
C PRO A 141 9.46 -3.49 21.66
N GLU A 142 10.50 -2.95 21.04
CA GLU A 142 10.41 -1.75 20.22
C GLU A 142 9.59 -2.10 18.97
N ALA A 143 9.66 -3.35 18.48
CA ALA A 143 8.97 -3.79 17.24
C ALA A 143 7.50 -3.86 17.56
N VAL A 144 7.18 -4.43 18.71
CA VAL A 144 5.77 -4.54 19.15
C VAL A 144 5.22 -3.10 19.24
N ARG A 145 6.04 -2.18 19.74
CA ARG A 145 5.71 -0.75 19.93
C ARG A 145 5.50 -0.13 18.55
N ILE A 146 6.42 -0.39 17.63
CA ILE A 146 6.36 0.20 16.26
C ILE A 146 5.03 -0.22 15.62
N ILE A 147 4.72 -1.50 15.70
CA ILE A 147 3.54 -2.07 15.00
C ILE A 147 2.25 -1.52 15.64
N ALA A 148 2.18 -1.51 16.98
CA ALA A 148 1.05 -0.97 17.76
C ALA A 148 0.78 0.47 17.29
N ASP A 149 1.81 1.31 17.31
CA ASP A 149 1.73 2.72 16.88
C ASP A 149 1.24 2.79 15.44
N THR A 150 1.66 1.86 14.60
CA THR A 150 1.33 1.85 13.17
C THR A 150 -0.13 1.46 13.00
N PHE A 151 -0.53 0.35 13.62
CA PHE A 151 -1.91 -0.15 13.37
C PHE A 151 -2.84 1.00 13.78
N ALA A 152 -2.50 1.70 14.88
CA ALA A 152 -3.25 2.82 15.48
C ALA A 152 -3.42 3.96 14.48
N GLN A 153 -2.37 4.26 13.72
CA GLN A 153 -2.42 5.33 12.70
C GLN A 153 -3.33 4.87 11.56
N LEU A 154 -3.20 3.59 11.23
CA LEU A 154 -3.82 2.92 10.05
C LEU A 154 -5.33 2.99 10.22
N VAL A 155 -5.79 2.76 11.44
CA VAL A 155 -7.22 2.81 11.79
C VAL A 155 -7.71 4.25 11.57
N THR A 156 -7.12 5.21 12.31
CA THR A 156 -7.45 6.65 12.27
C THR A 156 -7.64 7.12 10.84
N GLY A 157 -6.85 6.59 9.92
CA GLY A 157 -6.87 6.88 8.47
C GLY A 157 -8.10 6.34 7.76
N GLN A 158 -8.37 5.04 7.86
CA GLN A 158 -9.63 4.42 7.39
C GLN A 158 -10.80 5.19 8.05
N MET A 159 -10.71 5.40 9.37
CA MET A 159 -11.65 6.16 10.23
C MET A 159 -11.98 7.56 9.67
N ARG A 160 -10.94 8.30 9.29
CA ARG A 160 -11.03 9.70 8.83
C ARG A 160 -11.63 9.66 7.43
N GLU A 161 -11.37 8.58 6.67
CA GLU A 161 -12.00 8.32 5.35
C GLU A 161 -13.51 8.29 5.55
N THR A 162 -13.92 7.82 6.73
CA THR A 162 -15.31 7.77 7.26
C THR A 162 -15.74 9.17 7.74
N ARG A 163 -14.84 10.16 7.76
CA ARG A 163 -15.06 11.53 8.30
C ARG A 163 -15.48 11.42 9.77
N ASP A 170 -10.33 21.75 5.37
CA ASP A 170 -9.84 21.56 3.99
C ASP A 170 -9.96 20.07 3.63
N SER A 171 -10.84 19.76 2.68
CA SER A 171 -11.13 18.38 2.23
C SER A 171 -9.89 17.74 1.59
N ILE A 172 -9.01 18.53 0.97
CA ILE A 172 -7.82 18.04 0.21
C ILE A 172 -6.75 17.64 1.22
N GLU A 173 -6.44 18.53 2.16
CA GLU A 173 -5.59 18.28 3.35
C GLU A 173 -6.05 16.98 4.02
N GLN A 174 -7.37 16.82 4.19
CA GLN A 174 -8.01 15.68 4.89
C GLN A 174 -7.74 14.37 4.14
N TYR A 175 -7.91 14.36 2.83
CA TYR A 175 -7.68 13.18 1.96
C TYR A 175 -6.21 12.77 2.15
N LEU A 176 -5.28 13.72 2.04
CA LEU A 176 -3.84 13.44 2.11
C LEU A 176 -3.45 12.92 3.49
N LYS A 177 -4.08 13.40 4.56
CA LYS A 177 -3.92 12.87 5.93
C LYS A 177 -4.43 11.44 5.97
N VAL A 178 -5.59 11.19 5.38
CA VAL A 178 -6.17 9.82 5.23
C VAL A 178 -5.12 8.89 4.61
N VAL A 179 -4.61 9.16 3.39
CA VAL A 179 -3.74 8.19 2.65
C VAL A 179 -2.39 8.03 3.36
N GLN A 180 -1.90 9.07 4.05
CA GLN A 180 -0.68 8.97 4.90
C GLN A 180 -0.97 8.01 6.07
N GLU A 181 -2.16 8.03 6.65
CA GLU A 181 -2.48 7.22 7.83
C GLU A 181 -2.78 5.79 7.39
N LYS A 182 -3.60 5.61 6.35
CA LYS A 182 -4.20 4.31 5.96
C LYS A 182 -3.25 3.51 5.08
N THR A 183 -2.40 4.15 4.31
CA THR A 183 -1.51 3.43 3.36
C THR A 183 -0.05 3.71 3.72
N GLY A 184 0.28 4.96 4.05
CA GLY A 184 1.66 5.44 4.24
C GLY A 184 2.30 4.78 5.43
N SER A 185 1.61 4.80 6.56
CA SER A 185 2.10 4.34 7.88
C SER A 185 2.70 2.95 7.73
N LEU A 186 1.93 2.02 7.14
CA LEU A 186 2.30 0.59 7.20
C LEU A 186 3.54 0.36 6.34
N ILE A 187 3.69 1.06 5.23
CA ILE A 187 4.86 0.85 4.35
C ILE A 187 6.07 1.54 4.99
N GLY A 188 5.81 2.63 5.71
CA GLY A 188 6.78 3.27 6.63
C GLY A 188 7.35 2.27 7.65
N ALA A 189 6.48 1.54 8.34
CA ALA A 189 6.84 0.43 9.26
C ALA A 189 7.64 -0.67 8.57
N ALA A 190 7.31 -1.03 7.32
CA ALA A 190 8.02 -2.06 6.54
C ALA A 190 9.46 -1.60 6.34
N GLY A 191 9.67 -0.36 5.94
CA GLY A 191 11.04 0.15 5.75
C GLY A 191 11.79 0.17 7.08
N ARG A 192 11.12 0.60 8.12
CA ARG A 192 11.74 0.74 9.47
C ARG A 192 12.20 -0.63 9.97
N LEU A 193 11.35 -1.65 9.89
CA LEU A 193 11.63 -3.02 10.39
C LEU A 193 12.63 -3.72 9.47
N GLY A 194 12.51 -3.53 8.17
CA GLY A 194 13.49 -4.05 7.20
C GLY A 194 14.86 -3.50 7.52
N GLY A 195 14.93 -2.20 7.74
CA GLY A 195 16.21 -1.56 8.10
C GLY A 195 16.75 -2.07 9.43
N MET A 196 15.94 -2.04 10.48
CA MET A 196 16.35 -2.48 11.85
C MET A 196 16.87 -3.92 11.81
N PHE A 197 16.07 -4.87 11.35
CA PHE A 197 16.38 -6.31 11.45
C PHE A 197 17.47 -6.73 10.47
N SER A 198 17.81 -5.91 9.49
CA SER A 198 18.97 -6.17 8.59
C SER A 198 20.25 -5.56 9.16
N GLY A 199 20.15 -4.84 10.27
CA GLY A 199 21.33 -4.29 10.95
C GLY A 199 21.76 -2.95 10.37
N ALA A 200 20.89 -2.29 9.60
CA ALA A 200 21.17 -0.93 9.04
C ALA A 200 21.42 0.09 10.16
N THR A 201 22.15 1.16 9.85
CA THR A 201 22.42 2.27 10.80
C THR A 201 21.11 2.95 11.22
N ASP A 202 21.14 3.63 12.37
CA ASP A 202 20.02 4.44 12.91
C ASP A 202 19.52 5.43 11.84
N GLU A 203 20.43 6.04 11.09
CA GLU A 203 20.15 7.08 10.07
C GLU A 203 19.45 6.41 8.87
N GLN A 204 19.93 5.25 8.49
CA GLN A 204 19.41 4.44 7.37
C GLN A 204 18.00 3.96 7.72
N VAL A 205 17.80 3.52 8.94
CA VAL A 205 16.46 3.11 9.42
C VAL A 205 15.47 4.28 9.25
N GLU A 206 15.85 5.51 9.60
CA GLU A 206 14.92 6.65 9.57
C GLU A 206 14.61 6.96 8.11
N ARG A 207 15.59 6.81 7.21
CA ARG A 207 15.43 7.21 5.79
C ARG A 207 14.53 6.17 5.11
N LEU A 208 14.62 4.91 5.50
CA LEU A 208 13.79 3.84 4.91
C LEU A 208 12.37 3.95 5.43
N SER A 209 12.20 4.33 6.68
CA SER A 209 10.90 4.65 7.25
C SER A 209 10.28 5.81 6.46
N ARG A 210 11.01 6.91 6.29
CA ARG A 210 10.45 8.10 5.59
C ARG A 210 10.10 7.72 4.14
N LEU A 211 11.03 7.05 3.47
CA LEU A 211 10.86 6.53 2.12
C LEU A 211 9.54 5.75 2.06
N GLY A 212 9.30 4.83 3.00
CA GLY A 212 8.13 3.94 3.05
C GLY A 212 6.82 4.72 3.17
N GLY A 213 6.77 5.69 4.06
CA GLY A 213 5.63 6.60 4.24
C GLY A 213 5.29 7.32 2.95
N VAL A 214 6.28 7.83 2.23
CA VAL A 214 6.04 8.60 0.97
C VAL A 214 5.56 7.64 -0.14
N VAL A 215 6.24 6.51 -0.32
CA VAL A 215 5.91 5.44 -1.30
C VAL A 215 4.44 5.02 -1.17
N GLY A 216 3.98 4.78 0.07
CA GLY A 216 2.62 4.39 0.40
C GLY A 216 1.66 5.49 0.00
N THR A 217 2.03 6.74 0.27
CA THR A 217 1.21 7.92 -0.11
C THR A 217 1.14 8.04 -1.65
N ALA A 218 2.27 8.03 -2.37
CA ALA A 218 2.30 8.13 -3.85
C ALA A 218 1.53 6.95 -4.46
N PHE A 219 1.59 5.76 -3.86
CA PHE A 219 1.02 4.50 -4.41
C PHE A 219 -0.50 4.68 -4.52
N GLN A 220 -1.09 5.23 -3.45
CA GLN A 220 -2.55 5.42 -3.32
C GLN A 220 -2.99 6.51 -4.30
N ILE A 221 -2.23 7.59 -4.42
CA ILE A 221 -2.59 8.72 -5.30
C ILE A 221 -2.46 8.25 -6.76
N ALA A 222 -1.43 7.47 -7.07
CA ALA A 222 -1.21 6.95 -8.44
C ALA A 222 -2.43 6.08 -8.80
N ASP A 223 -2.85 5.22 -7.86
CA ASP A 223 -3.98 4.27 -7.97
C ASP A 223 -5.26 5.03 -8.29
N ASP A 224 -5.42 6.20 -7.67
CA ASP A 224 -6.61 7.06 -7.77
C ASP A 224 -6.59 7.72 -9.15
N ILE A 225 -5.43 8.14 -9.63
CA ILE A 225 -5.32 8.72 -10.99
C ILE A 225 -5.59 7.61 -12.02
N ILE A 226 -4.99 6.45 -11.81
CA ILE A 226 -5.05 5.34 -12.79
C ILE A 226 -6.53 5.01 -12.97
N ASP A 227 -7.28 4.96 -11.88
CA ASP A 227 -8.71 4.58 -11.88
C ASP A 227 -9.62 5.58 -12.64
N ILE A 228 -9.10 6.75 -13.06
CA ILE A 228 -9.82 7.72 -13.92
C ILE A 228 -9.23 7.67 -15.33
N ASP A 229 -7.92 7.49 -15.44
CA ASP A 229 -7.30 7.39 -16.78
C ASP A 229 -8.06 6.34 -17.60
N SER A 230 -8.30 6.67 -18.87
CA SER A 230 -9.02 5.83 -19.89
C SER A 230 -8.35 4.47 -20.08
N GLU A 231 -7.04 4.33 -19.84
CA GLU A 231 -6.34 3.03 -20.04
C GLU A 231 -6.74 2.11 -18.87
N SER A 232 -6.62 0.80 -19.10
CA SER A 232 -6.90 -0.30 -18.14
C SER A 232 -5.77 -0.32 -17.10
N ASP A 233 -6.00 -0.90 -15.93
CA ASP A 233 -5.01 -0.86 -14.82
C ASP A 233 -4.03 -2.02 -15.04
N GLU A 234 -3.10 -2.21 -14.11
CA GLU A 234 -2.16 -3.37 -14.08
C GLU A 234 -2.90 -4.71 -14.26
N SER A 235 -3.93 -4.98 -13.46
CA SER A 235 -4.70 -6.25 -13.51
C SER A 235 -5.73 -6.21 -14.64
N GLY A 236 -5.62 -5.27 -15.60
CA GLY A 236 -6.48 -5.19 -16.79
C GLY A 236 -7.86 -4.61 -16.48
N LYS A 237 -8.03 -3.93 -15.35
CA LYS A 237 -9.35 -3.41 -14.91
C LYS A 237 -9.67 -2.12 -15.65
N LEU A 238 -10.93 -1.91 -16.04
CA LEU A 238 -11.34 -0.65 -16.68
C LEU A 238 -11.46 0.41 -15.60
N PRO A 239 -11.36 1.70 -15.96
CA PRO A 239 -11.48 2.77 -14.98
C PRO A 239 -12.95 2.97 -14.60
N GLY A 240 -13.19 3.76 -13.55
CA GLY A 240 -14.52 4.31 -13.18
C GLY A 240 -15.06 3.76 -11.87
N THR A 241 -14.41 2.76 -11.28
CA THR A 241 -14.91 2.11 -10.05
C THR A 241 -15.23 3.16 -9.00
N ASP A 242 -14.29 4.09 -8.74
CA ASP A 242 -14.40 5.09 -7.65
C ASP A 242 -15.60 6.01 -7.94
N VAL A 243 -15.73 6.44 -9.18
CA VAL A 243 -16.94 7.19 -9.61
C VAL A 243 -18.19 6.38 -9.25
N ARG A 244 -18.23 5.11 -9.63
CA ARG A 244 -19.40 4.22 -9.43
C ARG A 244 -19.68 4.07 -7.94
N GLU A 245 -18.66 3.96 -7.12
CA GLU A 245 -18.85 3.65 -5.68
C GLU A 245 -19.19 4.93 -4.93
N GLY A 246 -19.18 6.09 -5.60
CA GLY A 246 -19.46 7.41 -5.01
C GLY A 246 -18.18 8.12 -4.56
N VAL A 247 -17.19 7.33 -4.12
CA VAL A 247 -15.89 7.71 -3.47
C VAL A 247 -15.29 8.97 -4.09
N HIS A 248 -14.73 9.86 -3.28
CA HIS A 248 -14.05 11.10 -3.74
C HIS A 248 -12.54 10.93 -3.64
N THR A 249 -11.83 10.95 -4.75
CA THR A 249 -10.35 10.83 -4.77
C THR A 249 -9.74 12.17 -5.11
N LEU A 250 -8.42 12.23 -5.02
CA LEU A 250 -7.70 13.51 -5.15
C LEU A 250 -8.21 14.26 -6.38
N PRO A 251 -8.24 13.67 -7.60
CA PRO A 251 -8.56 14.46 -8.81
C PRO A 251 -9.99 15.00 -8.80
N MET A 252 -10.89 14.25 -8.18
CA MET A 252 -12.32 14.65 -7.98
C MET A 252 -12.36 15.81 -6.98
N LEU A 253 -11.65 15.70 -5.85
CA LEU A 253 -11.67 16.74 -4.79
C LEU A 253 -11.27 18.09 -5.40
N TYR A 254 -10.25 18.11 -6.26
CA TYR A 254 -9.74 19.34 -6.92
C TYR A 254 -10.78 19.84 -7.89
N ALA A 255 -11.33 18.93 -8.71
CA ALA A 255 -12.31 19.24 -9.78
C ALA A 255 -13.54 19.94 -9.19
N LEU A 256 -14.00 19.51 -8.01
CA LEU A 256 -15.25 19.98 -7.40
C LEU A 256 -15.18 21.49 -7.08
N ARG A 257 -14.00 22.03 -6.76
CA ARG A 257 -13.83 23.42 -6.25
C ARG A 257 -13.29 24.35 -7.35
N GLU A 258 -13.76 24.19 -8.58
CA GLU A 258 -13.40 25.01 -9.78
C GLU A 258 -14.71 25.63 -10.31
N SER A 259 -14.65 26.63 -11.19
CA SER A 259 -15.83 27.29 -11.82
C SER A 259 -16.19 26.60 -13.13
N ASP A 262 -20.52 23.60 -15.37
CA ASP A 262 -19.73 22.42 -15.81
C ASP A 262 -19.26 21.67 -14.57
N CYS A 263 -18.46 22.34 -13.74
CA CYS A 263 -18.07 21.90 -12.38
C CYS A 263 -19.33 21.66 -11.54
N ALA A 264 -20.44 22.29 -11.92
CA ALA A 264 -21.80 22.09 -11.36
C ALA A 264 -22.40 20.74 -11.79
N ARG A 265 -22.25 20.33 -13.05
CA ARG A 265 -22.76 19.01 -13.53
C ARG A 265 -21.97 17.87 -12.85
N LEU A 266 -20.66 18.06 -12.74
CA LEU A 266 -19.73 17.14 -12.05
C LEU A 266 -20.25 16.95 -10.62
N ARG A 267 -20.53 18.05 -9.93
CA ARG A 267 -21.00 18.07 -8.52
C ARG A 267 -22.19 17.13 -8.30
N ALA A 268 -23.17 17.18 -9.21
CA ALA A 268 -24.41 16.35 -9.18
C ALA A 268 -24.07 14.86 -9.38
N LEU A 269 -23.32 14.51 -10.44
CA LEU A 269 -22.83 13.12 -10.68
C LEU A 269 -22.13 12.58 -9.43
N LEU A 270 -21.18 13.36 -8.90
CA LEU A 270 -20.28 12.92 -7.81
C LEU A 270 -21.01 12.94 -6.47
N ASN A 271 -22.21 13.54 -6.41
CA ASN A 271 -22.98 13.75 -5.14
C ASN A 271 -23.13 12.39 -4.42
N GLY A 272 -23.27 11.28 -5.14
CA GLY A 272 -23.22 9.92 -4.54
C GLY A 272 -22.88 8.82 -5.55
N PRO A 273 -23.08 7.53 -5.17
CA PRO A 273 -22.90 6.41 -6.09
C PRO A 273 -23.53 6.69 -7.47
N VAL A 274 -22.83 6.30 -8.55
CA VAL A 274 -23.29 6.45 -9.97
C VAL A 274 -23.47 5.04 -10.54
N ASP A 275 -24.70 4.65 -10.94
CA ASP A 275 -25.00 3.26 -11.42
C ASP A 275 -25.36 3.23 -12.91
N ASP A 276 -25.59 4.39 -13.54
CA ASP A 276 -25.88 4.48 -15.00
C ASP A 276 -24.58 4.60 -15.81
N ASP A 277 -24.33 3.68 -16.74
CA ASP A 277 -23.00 3.47 -17.36
C ASP A 277 -22.61 4.66 -18.25
N ALA A 278 -23.56 5.51 -18.61
CA ALA A 278 -23.32 6.71 -19.47
C ALA A 278 -22.91 7.90 -18.58
N GLU A 279 -23.56 8.04 -17.42
CA GLU A 279 -23.18 9.03 -16.37
C GLU A 279 -21.76 8.68 -15.89
N VAL A 280 -21.37 7.40 -15.95
CA VAL A 280 -20.01 6.96 -15.55
C VAL A 280 -19.03 7.59 -16.54
N ARG A 281 -19.15 7.29 -17.83
CA ARG A 281 -18.29 7.86 -18.90
C ARG A 281 -18.44 9.38 -18.96
N GLU A 282 -19.64 9.93 -18.67
CA GLU A 282 -19.87 11.40 -18.58
C GLU A 282 -18.98 11.98 -17.45
N ALA A 283 -19.13 11.42 -16.25
CA ALA A 283 -18.34 11.82 -15.07
C ALA A 283 -16.84 11.69 -15.39
N LEU A 284 -16.47 10.65 -16.13
CA LEU A 284 -15.06 10.38 -16.48
C LEU A 284 -14.53 11.52 -17.34
N THR A 285 -15.09 11.72 -18.51
CA THR A 285 -14.55 12.69 -19.50
C THR A 285 -14.59 14.08 -18.84
N LEU A 286 -15.54 14.33 -17.93
CA LEU A 286 -15.58 15.56 -17.07
C LEU A 286 -14.35 15.60 -16.13
N LEU A 287 -13.97 14.49 -15.48
CA LEU A 287 -12.79 14.43 -14.54
C LEU A 287 -11.50 14.55 -15.33
N ARG A 288 -11.39 13.79 -16.42
CA ARG A 288 -10.17 13.78 -17.27
C ARG A 288 -9.84 15.18 -17.78
N ALA A 289 -10.85 15.95 -18.21
CA ALA A 289 -10.68 17.29 -18.81
C ALA A 289 -10.59 18.38 -17.72
N SER A 290 -10.73 18.02 -16.44
CA SER A 290 -10.68 18.98 -15.32
C SER A 290 -9.24 19.43 -15.06
N PRO A 291 -9.04 20.73 -14.77
CA PRO A 291 -7.80 21.18 -14.11
C PRO A 291 -7.46 20.35 -12.87
N GLY A 292 -8.45 19.68 -12.27
CA GLY A 292 -8.28 18.77 -11.13
C GLY A 292 -7.33 17.62 -11.45
N MET A 293 -7.32 17.14 -12.70
CA MET A 293 -6.47 16.01 -13.14
C MET A 293 -5.03 16.53 -13.22
N ALA A 294 -4.85 17.82 -13.46
CA ALA A 294 -3.53 18.49 -13.45
C ALA A 294 -3.06 18.70 -12.00
N ARG A 295 -3.92 19.23 -11.13
CA ARG A 295 -3.55 19.50 -9.71
C ARG A 295 -3.10 18.18 -9.06
N ALA A 296 -3.79 17.08 -9.35
CA ALA A 296 -3.55 15.75 -8.72
C ALA A 296 -2.22 15.13 -9.20
N LYS A 297 -1.90 15.27 -10.49
CA LYS A 297 -0.68 14.74 -11.15
C LYS A 297 0.55 15.48 -10.61
N ASP A 298 0.43 16.79 -10.41
CA ASP A 298 1.38 17.67 -9.66
C ASP A 298 1.60 17.19 -8.23
N VAL A 299 0.53 16.82 -7.52
CA VAL A 299 0.68 16.31 -6.12
C VAL A 299 1.52 15.03 -6.18
N LEU A 300 1.20 14.13 -7.12
CA LEU A 300 1.92 12.86 -7.30
C LEU A 300 3.39 13.14 -7.56
N ALA A 301 3.69 14.14 -8.39
CA ALA A 301 5.08 14.41 -8.85
C ALA A 301 5.90 14.91 -7.65
N GLN A 302 5.25 15.64 -6.74
CA GLN A 302 5.83 16.17 -5.48
C GLN A 302 6.16 15.00 -4.52
N TYR A 303 5.24 14.07 -4.27
CA TYR A 303 5.55 12.84 -3.49
C TYR A 303 6.61 11.98 -4.19
N ALA A 304 6.63 11.83 -5.52
CA ALA A 304 7.65 11.07 -6.26
C ALA A 304 9.03 11.70 -6.04
N ALA A 305 9.10 13.04 -6.08
CA ALA A 305 10.34 13.78 -5.85
C ALA A 305 10.79 13.55 -4.39
N GLN A 306 9.86 13.61 -3.43
CA GLN A 306 10.18 13.37 -1.99
C GLN A 306 10.77 11.96 -1.81
N ALA A 307 10.22 10.94 -2.49
CA ALA A 307 10.71 9.54 -2.48
C ALA A 307 12.12 9.46 -3.03
N ARG A 308 12.33 10.07 -4.20
CA ARG A 308 13.63 10.05 -4.88
C ARG A 308 14.69 10.76 -4.03
N HIS A 309 14.27 11.77 -3.28
CA HIS A 309 15.18 12.47 -2.33
C HIS A 309 15.67 11.51 -1.28
N GLU A 310 14.73 10.85 -0.59
CA GLU A 310 15.12 9.87 0.47
C GLU A 310 16.05 8.80 -0.14
N LEU A 311 15.83 8.42 -1.40
CA LEU A 311 16.66 7.40 -2.10
C LEU A 311 18.09 7.87 -2.25
N ALA A 312 18.30 9.11 -2.74
CA ALA A 312 19.61 9.79 -2.88
C ALA A 312 20.41 9.83 -1.56
N LEU A 313 19.78 9.79 -0.40
CA LEU A 313 20.49 9.79 0.90
C LEU A 313 20.91 8.37 1.34
N LEU A 314 20.44 7.31 0.66
CA LEU A 314 20.93 5.92 0.87
C LEU A 314 22.26 5.72 0.16
N PRO A 315 23.12 4.76 0.61
CA PRO A 315 24.37 4.47 -0.10
C PRO A 315 24.14 3.95 -1.51
N ASP A 316 25.15 4.10 -2.36
CA ASP A 316 25.13 3.65 -3.77
C ASP A 316 25.44 2.15 -3.80
N VAL A 317 24.41 1.33 -3.53
CA VAL A 317 24.44 -0.16 -3.49
C VAL A 317 23.29 -0.68 -4.36
N PRO A 318 23.32 -1.96 -4.81
CA PRO A 318 22.27 -2.51 -5.67
C PRO A 318 20.90 -2.37 -5.02
N GLY A 319 20.85 -2.41 -3.69
CA GLY A 319 19.64 -2.14 -2.93
C GLY A 319 19.01 -0.80 -3.29
N ARG A 320 19.82 0.22 -3.61
CA ARG A 320 19.28 1.58 -3.84
C ARG A 320 18.64 1.62 -5.23
N ARG A 321 19.32 1.06 -6.22
CA ARG A 321 18.83 0.94 -7.61
C ARG A 321 17.49 0.20 -7.60
N ALA A 322 17.40 -0.90 -6.85
CA ALA A 322 16.18 -1.73 -6.75
C ALA A 322 15.04 -0.89 -6.14
N LEU A 323 15.34 -0.13 -5.10
CA LEU A 323 14.32 0.74 -4.45
C LEU A 323 13.90 1.85 -5.42
N ALA A 324 14.83 2.36 -6.25
CA ALA A 324 14.54 3.38 -7.31
C ALA A 324 13.62 2.77 -8.39
N ALA A 325 13.81 1.50 -8.74
CA ALA A 325 12.91 0.80 -9.69
C ALA A 325 11.54 0.65 -9.01
N LEU A 326 11.50 0.44 -7.70
CA LEU A 326 10.25 0.35 -6.96
C LEU A 326 9.52 1.70 -6.94
N VAL A 327 10.24 2.81 -6.73
CA VAL A 327 9.57 4.13 -6.74
C VAL A 327 8.99 4.37 -8.14
N ASP A 328 9.77 4.06 -9.17
CA ASP A 328 9.41 4.26 -10.58
C ASP A 328 8.11 3.52 -10.87
N TYR A 329 8.01 2.28 -10.36
CA TYR A 329 6.80 1.42 -10.48
C TYR A 329 5.66 2.06 -9.69
N THR A 330 5.88 2.42 -8.44
CA THR A 330 4.85 3.03 -7.55
C THR A 330 4.16 4.22 -8.27
N VAL A 331 4.92 5.12 -8.88
CA VAL A 331 4.39 6.44 -9.36
C VAL A 331 3.89 6.35 -10.81
N SER A 332 4.08 5.21 -11.47
CA SER A 332 3.50 4.87 -12.80
C SER A 332 2.70 3.56 -12.71
N ARG A 333 2.57 2.96 -11.50
CA ARG A 333 1.73 1.76 -11.10
C ARG A 333 1.63 1.62 -9.57
#